data_7ERD
#
_entry.id   7ERD
#
_cell.length_a   81.821
_cell.length_b   116.996
_cell.length_c   41.615
_cell.angle_alpha   90.000
_cell.angle_beta   90.000
_cell.angle_gamma   90.000
#
_symmetry.space_group_name_H-M   'P 21 21 2'
#
loop_
_entity.id
_entity.type
_entity.pdbx_description
1 polymer 'Flavin reductase (NADPH)'
2 non-polymer 'NADP NICOTINAMIDE-ADENINE-DINUCLEOTIDE PHOSPHATE'
3 non-polymer '2-[[2-methyl-3-(trifluoromethyl)phenyl]amino]pyridine-3-carboxylic acid'
4 non-polymer 'SULFATE ION'
5 water water
#
_entity_poly.entity_id   1
_entity_poly.type   'polypeptide(L)'
_entity_poly.pdbx_seq_one_letter_code
;MAVKKIAIFGATGQTGLTTLAQAVQAGYEVTVLVRDSSRLPSEGPRPAHVVVGDVLQAADVDKTVAGQDAVIVLLGTRND
LSPTTVMSEGARNIVAAMKAHGVDKVVACTSAFLLWDPTKVPPRLQAVTDDHIRMHKVLRESGLKYVAVMPPHIGDQPLT
GAYTVTLDGRGPSRVISKHDLGHFMLRCLTTDEYDGHSTYPSHQYQ
;
_entity_poly.pdbx_strand_id   A,B
#
# COMPACT_ATOMS: atom_id res chain seq x y z
N MET A 1 10.93 25.41 -22.30
CA MET A 1 10.55 24.26 -21.49
C MET A 1 9.35 24.58 -20.57
N ALA A 2 8.22 23.90 -20.80
CA ALA A 2 7.09 23.97 -19.88
C ALA A 2 7.49 23.45 -18.51
N VAL A 3 8.07 22.27 -18.46
CA VAL A 3 8.66 21.74 -17.23
C VAL A 3 10.07 22.32 -17.09
N LYS A 4 10.31 23.06 -16.02
CA LYS A 4 11.67 23.56 -15.83
C LYS A 4 12.19 23.36 -14.39
N LYS A 5 11.32 23.43 -13.39
CA LYS A 5 11.69 23.19 -11.99
C LYS A 5 11.26 21.78 -11.61
N ILE A 6 12.23 20.94 -11.25
CA ILE A 6 11.91 19.58 -10.84
C ILE A 6 12.59 19.29 -9.51
N ALA A 7 11.91 18.48 -8.70
CA ALA A 7 12.48 17.86 -7.51
C ALA A 7 12.92 16.45 -7.88
N ILE A 8 14.13 16.09 -7.48
CA ILE A 8 14.56 14.71 -7.58
C ILE A 8 14.70 14.17 -6.16
N PHE A 9 14.06 13.05 -5.91
CA PHE A 9 14.23 12.30 -4.68
C PHE A 9 15.13 11.13 -5.02
N GLY A 10 16.15 10.91 -4.20
CA GLY A 10 17.15 9.92 -4.50
C GLY A 10 18.23 10.37 -5.47
N ALA A 11 18.58 11.66 -5.45
CA ALA A 11 19.57 12.14 -6.41
C ALA A 11 20.97 11.68 -6.05
N THR A 12 21.23 11.32 -4.78
CA THR A 12 22.55 10.81 -4.40
C THR A 12 22.77 9.35 -4.76
N GLY A 13 21.73 8.66 -5.24
CA GLY A 13 21.82 7.23 -5.50
C GLY A 13 22.39 6.92 -6.88
N GLN A 14 22.43 5.63 -7.20
CA GLN A 14 23.19 5.22 -8.38
C GLN A 14 22.56 5.74 -9.67
N THR A 15 21.22 5.65 -9.80
CA THR A 15 20.55 6.29 -10.94
C THR A 15 20.39 7.79 -10.72
N GLY A 16 20.17 8.20 -9.49
CA GLY A 16 19.88 9.61 -9.24
C GLY A 16 21.01 10.53 -9.63
N LEU A 17 22.27 10.06 -9.47
CA LEU A 17 23.41 10.93 -9.75
C LEU A 17 23.52 11.25 -11.23
N THR A 18 23.41 10.22 -12.09
CA THR A 18 23.41 10.49 -13.52
C THR A 18 22.15 11.21 -13.97
N THR A 19 20.99 10.93 -13.35
CA THR A 19 19.79 11.70 -13.69
C THR A 19 19.97 13.17 -13.34
N LEU A 20 20.48 13.45 -12.12
CA LEU A 20 20.82 14.83 -11.77
C LEU A 20 21.79 15.44 -12.79
N ALA A 21 22.82 14.70 -13.19
CA ALA A 21 23.80 15.27 -14.11
C ALA A 21 23.17 15.60 -15.45
N GLN A 22 22.32 14.70 -15.97
CA GLN A 22 21.67 14.96 -17.24
C GLN A 22 20.64 16.08 -17.13
N ALA A 23 19.96 16.16 -16.00
CA ALA A 23 18.96 17.21 -15.84
C ALA A 23 19.61 18.58 -15.80
N VAL A 24 20.72 18.73 -15.07
CA VAL A 24 21.39 20.02 -15.04
C VAL A 24 21.91 20.37 -16.42
N GLN A 25 22.51 19.39 -17.12
CA GLN A 25 22.98 19.62 -18.48
C GLN A 25 21.85 20.01 -19.42
N ALA A 26 20.65 19.50 -19.19
CA ALA A 26 19.53 19.83 -20.07
C ALA A 26 18.85 21.12 -19.67
N GLY A 27 19.40 21.86 -18.71
CA GLY A 27 18.88 23.16 -18.36
C GLY A 27 17.80 23.19 -17.32
N TYR A 28 17.53 22.07 -16.64
CA TYR A 28 16.53 22.07 -15.58
C TYR A 28 17.03 22.79 -14.35
N GLU A 29 16.09 23.37 -13.59
CA GLU A 29 16.36 23.96 -12.29
C GLU A 29 15.99 22.93 -11.22
N VAL A 30 17.00 22.22 -10.71
CA VAL A 30 16.81 21.00 -9.94
C VAL A 30 16.88 21.27 -8.44
N THR A 31 15.86 20.84 -7.72
CA THR A 31 15.87 20.78 -6.27
C THR A 31 16.03 19.32 -5.84
N VAL A 32 16.94 19.09 -4.90
CA VAL A 32 17.19 17.76 -4.39
C VAL A 32 16.90 17.73 -2.90
N LEU A 33 16.41 16.60 -2.41
CA LEU A 33 16.30 16.33 -0.98
C LEU A 33 17.37 15.31 -0.62
N VAL A 34 18.29 15.69 0.26
CA VAL A 34 19.37 14.80 0.66
C VAL A 34 19.30 14.59 2.18
N ARG A 35 19.69 13.40 2.61
CA ARG A 35 19.85 13.15 4.03
C ARG A 35 21.14 13.81 4.52
N ASP A 36 21.13 14.26 5.78
CA ASP A 36 22.23 15.09 6.29
C ASP A 36 23.59 14.42 6.16
N SER A 37 23.67 13.11 6.35
CA SER A 37 24.94 12.39 6.29
C SER A 37 25.43 12.14 4.87
N SER A 38 24.57 12.28 3.87
CA SER A 38 24.89 11.88 2.50
C SER A 38 24.59 13.05 1.58
N ARG A 39 25.54 13.98 1.48
CA ARG A 39 25.42 15.04 0.51
C ARG A 39 25.97 14.58 -0.84
N LEU A 40 25.69 15.38 -1.87
CA LEU A 40 26.15 15.08 -3.20
C LEU A 40 27.67 15.27 -3.29
N PRO A 41 28.34 14.51 -4.15
CA PRO A 41 29.81 14.60 -4.21
C PRO A 41 30.30 16.00 -4.58
N SER A 42 31.54 16.28 -4.16
CA SER A 42 32.14 17.61 -4.28
C SER A 42 32.27 18.03 -5.74
N GLU A 43 32.89 17.17 -6.55
CA GLU A 43 33.18 17.48 -7.95
C GLU A 43 31.96 17.37 -8.86
N GLY A 44 30.82 16.89 -8.35
CA GLY A 44 29.67 16.62 -9.19
C GLY A 44 28.94 17.89 -9.59
N PRO A 45 27.98 17.73 -10.50
CA PRO A 45 27.15 18.88 -10.89
C PRO A 45 26.33 19.41 -9.72
N ARG A 46 26.22 20.72 -9.63
CA ARG A 46 25.48 21.30 -8.52
C ARG A 46 24.04 21.52 -8.92
N PRO A 47 23.07 21.04 -8.15
CA PRO A 47 21.67 21.44 -8.39
C PRO A 47 21.46 22.89 -8.00
N ALA A 48 20.33 23.43 -8.45
CA ALA A 48 19.96 24.80 -8.15
C ALA A 48 19.50 24.98 -6.70
N HIS A 49 18.97 23.93 -6.08
CA HIS A 49 18.49 24.01 -4.70
C HIS A 49 18.69 22.68 -4.00
N VAL A 50 19.12 22.75 -2.74
CA VAL A 50 19.29 21.57 -1.90
C VAL A 50 18.43 21.71 -0.64
N VAL A 51 17.61 20.70 -0.37
CA VAL A 51 16.91 20.58 0.91
C VAL A 51 17.55 19.42 1.67
N VAL A 52 18.00 19.69 2.89
CA VAL A 52 18.58 18.66 3.74
C VAL A 52 17.47 18.14 4.66
N GLY A 53 17.22 16.84 4.62
CA GLY A 53 16.14 16.28 5.41
C GLY A 53 15.91 14.84 5.06
N ASP A 54 14.70 14.36 5.34
CA ASP A 54 14.39 12.95 5.15
C ASP A 54 13.04 12.79 4.46
N VAL A 55 12.96 11.84 3.53
CA VAL A 55 11.68 11.64 2.82
C VAL A 55 10.59 11.13 3.76
N LEU A 56 10.98 10.57 4.89
CA LEU A 56 10.00 10.18 5.91
C LEU A 56 9.46 11.35 6.72
N GLN A 57 10.00 12.56 6.56
CA GLN A 57 9.46 13.74 7.24
C GLN A 57 8.61 14.54 6.24
N ALA A 58 7.30 14.58 6.48
CA ALA A 58 6.39 15.30 5.59
C ALA A 58 6.84 16.75 5.42
N ALA A 59 7.37 17.37 6.47
CA ALA A 59 7.78 18.75 6.36
C ALA A 59 8.92 18.91 5.36
N ASP A 60 9.85 17.96 5.35
CA ASP A 60 10.97 18.06 4.41
C ASP A 60 10.53 17.78 2.98
N VAL A 61 9.61 16.84 2.80
CA VAL A 61 9.10 16.58 1.45
C VAL A 61 8.32 17.78 0.94
N ASP A 62 7.58 18.46 1.82
CA ASP A 62 6.86 19.67 1.44
C ASP A 62 7.82 20.78 1.02
N LYS A 63 8.90 20.97 1.78
CA LYS A 63 9.94 21.93 1.40
C LYS A 63 10.52 21.62 0.02
N THR A 64 10.62 20.34 -0.32
CA THR A 64 11.29 19.97 -1.57
C THR A 64 10.37 20.09 -2.76
N VAL A 65 9.08 19.82 -2.57
CA VAL A 65 8.10 19.79 -3.66
C VAL A 65 7.54 21.17 -3.96
N ALA A 66 7.50 22.06 -2.97
CA ALA A 66 6.94 23.39 -3.17
C ALA A 66 7.60 24.08 -4.36
N GLY A 67 6.77 24.72 -5.19
CA GLY A 67 7.28 25.49 -6.32
C GLY A 67 7.81 24.69 -7.49
N GLN A 68 7.68 23.37 -7.49
CA GLN A 68 8.20 22.56 -8.58
C GLN A 68 7.14 22.36 -9.66
N ASP A 69 7.62 22.02 -10.86
CA ASP A 69 6.74 21.67 -11.98
C ASP A 69 6.43 20.19 -12.02
N ALA A 70 7.37 19.36 -11.55
CA ALA A 70 7.25 17.91 -11.69
C ALA A 70 8.20 17.27 -10.68
N VAL A 71 8.00 15.98 -10.44
CA VAL A 71 8.79 15.24 -9.46
C VAL A 71 9.33 13.96 -10.08
N ILE A 72 10.60 13.67 -9.84
CA ILE A 72 11.20 12.38 -10.20
C ILE A 72 11.54 11.66 -8.91
N VAL A 73 11.11 10.40 -8.81
CA VAL A 73 11.36 9.59 -7.62
C VAL A 73 12.30 8.43 -7.97
N LEU A 74 13.49 8.46 -7.37
CA LEU A 74 14.53 7.44 -7.50
C LEU A 74 15.03 6.99 -6.13
N LEU A 75 14.10 6.86 -5.18
CA LEU A 75 14.42 6.35 -3.86
C LEU A 75 14.72 4.85 -3.91
N GLY A 76 15.54 4.40 -2.97
CA GLY A 76 15.91 3.01 -2.82
C GLY A 76 16.62 2.82 -1.50
N THR A 77 17.08 1.58 -1.29
CA THR A 77 17.67 1.15 -0.04
C THR A 77 19.14 0.79 -0.20
N ARG A 78 19.78 1.28 -1.27
CA ARG A 78 21.15 0.92 -1.63
C ARG A 78 21.19 -0.62 -1.75
N ASN A 79 22.22 -1.31 -1.30
CA ASN A 79 22.16 -2.76 -1.47
C ASN A 79 21.54 -3.46 -0.25
N ASP A 80 20.67 -2.76 0.47
CA ASP A 80 20.06 -3.30 1.70
C ASP A 80 18.72 -3.93 1.36
N LEU A 81 18.63 -5.25 1.46
CA LEU A 81 17.43 -5.97 1.06
C LEU A 81 16.42 -6.16 2.18
N SER A 82 16.65 -5.52 3.34
CA SER A 82 15.79 -5.69 4.51
C SER A 82 14.38 -5.21 4.24
N PRO A 83 13.38 -5.79 4.93
CA PRO A 83 12.03 -5.21 4.94
C PRO A 83 12.08 -3.72 5.22
N THR A 84 11.32 -2.96 4.44
CA THR A 84 11.33 -1.51 4.59
C THR A 84 9.98 -0.96 4.14
N THR A 85 9.70 0.28 4.58
CA THR A 85 8.64 1.08 3.98
C THR A 85 9.10 2.47 3.56
N VAL A 86 10.42 2.71 3.46
CA VAL A 86 10.89 4.06 3.17
C VAL A 86 10.33 4.56 1.84
N MET A 87 10.26 3.68 0.83
CA MET A 87 9.78 4.12 -0.47
C MET A 87 8.28 4.35 -0.46
N SER A 88 7.51 3.43 0.11
CA SER A 88 6.07 3.62 0.11
C SER A 88 5.68 4.80 1.00
N GLU A 89 6.24 4.87 2.21
CA GLU A 89 5.93 6.01 3.08
C GLU A 89 6.37 7.31 2.46
N GLY A 90 7.57 7.34 1.88
CA GLY A 90 8.01 8.54 1.20
C GLY A 90 7.09 8.93 0.07
N ALA A 91 6.65 7.96 -0.74
CA ALA A 91 5.69 8.27 -1.80
C ALA A 91 4.41 8.85 -1.23
N ARG A 92 3.95 8.32 -0.09
CA ARG A 92 2.79 8.90 0.59
C ARG A 92 3.00 10.37 0.87
N ASN A 93 4.20 10.73 1.35
CA ASN A 93 4.52 12.12 1.63
C ASN A 93 4.65 12.93 0.36
N ILE A 94 5.28 12.37 -0.67
CA ILE A 94 5.38 13.07 -1.93
C ILE A 94 3.99 13.32 -2.51
N VAL A 95 3.13 12.30 -2.48
CA VAL A 95 1.77 12.49 -2.99
C VAL A 95 1.05 13.60 -2.23
N ALA A 96 1.17 13.63 -0.91
CA ALA A 96 0.51 14.70 -0.16
C ALA A 96 1.08 16.06 -0.53
N ALA A 97 2.42 16.17 -0.64
CA ALA A 97 3.01 17.46 -0.99
C ALA A 97 2.56 17.92 -2.37
N MET A 98 2.51 17.01 -3.34
CA MET A 98 2.15 17.41 -4.70
C MET A 98 0.71 17.91 -4.76
N LYS A 99 -0.18 17.25 -4.03
CA LYS A 99 -1.58 17.70 -4.01
C LYS A 99 -1.72 19.06 -3.34
N ALA A 100 -0.92 19.32 -2.31
CA ALA A 100 -1.01 20.57 -1.58
C ALA A 100 -0.47 21.73 -2.41
N HIS A 101 0.57 21.48 -3.19
CA HIS A 101 1.25 22.51 -3.97
C HIS A 101 0.85 22.52 -5.43
N GLY A 102 -0.11 21.68 -5.84
CA GLY A 102 -0.56 21.72 -7.22
C GLY A 102 0.44 21.20 -8.22
N VAL A 103 1.23 20.21 -7.85
CA VAL A 103 2.09 19.50 -8.78
C VAL A 103 1.36 18.23 -9.18
N ASP A 104 1.31 17.95 -10.48
CA ASP A 104 0.56 16.80 -10.98
C ASP A 104 1.44 15.67 -11.51
N LYS A 105 2.59 16.00 -12.09
CA LYS A 105 3.42 15.05 -12.82
C LYS A 105 4.46 14.43 -11.88
N VAL A 106 4.39 13.11 -11.68
CA VAL A 106 5.41 12.39 -10.93
C VAL A 106 5.87 11.17 -11.73
N VAL A 107 7.18 11.08 -11.95
CA VAL A 107 7.79 9.94 -12.60
C VAL A 107 8.58 9.20 -11.51
N ALA A 108 8.14 7.97 -11.20
CA ALA A 108 8.66 7.23 -10.06
C ALA A 108 9.07 5.81 -10.45
N CYS A 109 10.21 5.41 -9.93
CA CYS A 109 10.85 4.15 -10.23
C CYS A 109 10.48 3.10 -9.16
N THR A 110 9.88 1.97 -9.59
CA THR A 110 9.76 0.79 -8.74
C THR A 110 10.64 -0.26 -9.38
N SER A 111 10.08 -1.26 -10.07
CA SER A 111 10.86 -2.39 -10.56
C SER A 111 10.06 -3.20 -11.56
N ALA A 112 10.77 -3.82 -12.50
CA ALA A 112 10.13 -4.73 -13.46
C ALA A 112 9.38 -5.87 -12.79
N PHE A 113 9.72 -6.22 -11.54
CA PHE A 113 9.04 -7.32 -10.89
C PHE A 113 7.55 -7.08 -10.71
N LEU A 114 7.11 -5.82 -10.77
CA LEU A 114 5.69 -5.50 -10.71
C LEU A 114 4.99 -5.75 -12.05
N LEU A 115 5.72 -6.16 -13.09
CA LEU A 115 5.09 -6.58 -14.34
C LEU A 115 5.15 -8.08 -14.56
N TRP A 116 5.99 -8.78 -13.83
CA TRP A 116 6.25 -10.19 -14.08
C TRP A 116 5.42 -11.06 -13.14
N ASP A 117 5.41 -12.34 -13.44
CA ASP A 117 4.74 -13.32 -12.59
C ASP A 117 5.31 -13.24 -11.17
N PRO A 118 4.49 -12.96 -10.16
CA PRO A 118 5.03 -12.83 -8.80
C PRO A 118 5.79 -14.06 -8.34
N THR A 119 5.40 -15.26 -8.80
CA THR A 119 6.11 -16.47 -8.41
C THR A 119 7.57 -16.47 -8.84
N LYS A 120 7.96 -15.57 -9.75
CA LYS A 120 9.34 -15.52 -10.24
C LYS A 120 10.21 -14.52 -9.49
N VAL A 121 9.66 -13.70 -8.60
CA VAL A 121 10.48 -12.77 -7.82
C VAL A 121 11.45 -13.57 -6.96
N PRO A 122 12.76 -13.36 -7.07
CA PRO A 122 13.71 -14.05 -6.21
C PRO A 122 13.46 -13.72 -4.75
N PRO A 123 13.38 -14.74 -3.90
CA PRO A 123 13.05 -14.49 -2.49
C PRO A 123 13.91 -13.42 -1.83
N ARG A 124 15.20 -13.32 -2.19
CA ARG A 124 16.07 -12.30 -1.60
C ARG A 124 15.60 -10.88 -1.90
N LEU A 125 14.84 -10.70 -2.99
CA LEU A 125 14.35 -9.39 -3.40
C LEU A 125 12.88 -9.16 -3.04
N GLN A 126 12.25 -10.09 -2.32
CA GLN A 126 10.80 -9.97 -2.12
C GLN A 126 10.47 -8.82 -1.17
N ALA A 127 11.30 -8.61 -0.14
CA ALA A 127 11.00 -7.56 0.84
C ALA A 127 11.02 -6.19 0.20
N VAL A 128 12.06 -5.90 -0.59
CA VAL A 128 12.13 -4.62 -1.27
C VAL A 128 10.99 -4.52 -2.30
N THR A 129 10.67 -5.65 -2.95
CA THR A 129 9.58 -5.66 -3.93
C THR A 129 8.24 -5.37 -3.27
N ASP A 130 8.00 -5.97 -2.09
CA ASP A 130 6.77 -5.70 -1.35
C ASP A 130 6.58 -4.19 -1.10
N ASP A 131 7.65 -3.43 -0.93
CA ASP A 131 7.51 -1.98 -0.78
C ASP A 131 7.30 -1.26 -2.11
N HIS A 132 7.99 -1.69 -3.17
CA HIS A 132 7.66 -1.18 -4.50
C HIS A 132 6.18 -1.39 -4.81
N ILE A 133 5.64 -2.57 -4.48
CA ILE A 133 4.22 -2.83 -4.65
C ILE A 133 3.38 -1.84 -3.83
N ARG A 134 3.77 -1.60 -2.56
CA ARG A 134 3.06 -0.61 -1.74
C ARG A 134 3.22 0.78 -2.35
N MET A 135 4.44 1.11 -2.78
CA MET A 135 4.68 2.45 -3.32
C MET A 135 3.89 2.69 -4.59
N HIS A 136 3.89 1.72 -5.52
CA HIS A 136 3.12 1.85 -6.76
C HIS A 136 1.63 2.05 -6.49
N LYS A 137 1.07 1.32 -5.53
CA LYS A 137 -0.35 1.45 -5.21
C LYS A 137 -0.67 2.83 -4.67
N VAL A 138 0.17 3.35 -3.76
CA VAL A 138 0.05 4.74 -3.31
C VAL A 138 0.00 5.69 -4.51
N LEU A 139 0.94 5.55 -5.44
CA LEU A 139 0.97 6.53 -6.52
C LEU A 139 -0.15 6.30 -7.53
N ARG A 140 -0.45 5.03 -7.82
CA ARG A 140 -1.54 4.72 -8.73
C ARG A 140 -2.86 5.33 -8.24
N GLU A 141 -3.16 5.17 -6.96
CA GLU A 141 -4.45 5.67 -6.51
C GLU A 141 -4.40 7.13 -6.08
N SER A 142 -3.27 7.81 -6.27
CA SER A 142 -3.19 9.25 -5.97
C SER A 142 -4.06 10.08 -6.92
N GLY A 143 -4.33 9.59 -8.12
CA GLY A 143 -4.98 10.41 -9.12
C GLY A 143 -4.06 11.40 -9.83
N LEU A 144 -2.78 11.43 -9.48
CA LEU A 144 -1.86 12.35 -10.13
C LEU A 144 -1.46 11.80 -11.48
N LYS A 145 -0.75 12.62 -12.26
CA LYS A 145 -0.22 12.17 -13.53
C LYS A 145 1.06 11.40 -13.24
N TYR A 146 0.90 10.09 -13.10
CA TYR A 146 1.93 9.21 -12.57
C TYR A 146 2.43 8.28 -13.67
N VAL A 147 3.72 8.37 -13.96
CA VAL A 147 4.40 7.44 -14.85
C VAL A 147 5.12 6.43 -13.96
N ALA A 148 4.67 5.18 -14.04
CA ALA A 148 5.26 4.07 -13.29
C ALA A 148 6.43 3.51 -14.10
N VAL A 149 7.64 3.78 -13.65
CA VAL A 149 8.82 3.30 -14.35
C VAL A 149 9.30 2.04 -13.66
N MET A 150 9.34 0.94 -14.41
CA MET A 150 9.52 -0.40 -13.85
C MET A 150 10.68 -1.11 -14.54
N PRO A 151 11.92 -0.73 -14.21
CA PRO A 151 13.09 -1.23 -14.96
C PRO A 151 13.51 -2.63 -14.54
N PRO A 152 14.24 -3.34 -15.40
CA PRO A 152 14.88 -4.59 -14.99
C PRO A 152 16.21 -4.28 -14.33
N HIS A 153 17.17 -5.19 -14.42
CA HIS A 153 18.46 -4.94 -13.77
C HIS A 153 19.06 -3.61 -14.24
N ILE A 154 19.56 -2.83 -13.29
CA ILE A 154 20.20 -1.55 -13.59
C ILE A 154 21.71 -1.75 -13.73
N GLY A 155 22.24 -1.46 -14.92
CA GLY A 155 23.66 -1.62 -15.18
C GLY A 155 24.43 -0.32 -15.29
N ASP A 156 25.73 -0.48 -15.60
CA ASP A 156 26.71 0.58 -15.74
C ASP A 156 27.08 0.85 -17.20
N GLN A 157 26.27 0.38 -18.16
CA GLN A 157 26.56 0.57 -19.56
C GLN A 157 26.31 2.03 -19.93
N PRO A 158 26.67 2.45 -21.15
CA PRO A 158 26.63 3.88 -21.46
C PRO A 158 25.21 4.43 -21.54
N LEU A 159 25.15 5.75 -21.55
CA LEU A 159 23.97 6.46 -22.02
C LEU A 159 23.86 6.32 -23.53
N THR A 160 22.72 5.82 -24.02
CA THR A 160 22.52 5.66 -25.45
C THR A 160 21.33 6.43 -25.99
N GLY A 161 20.25 6.61 -25.19
CA GLY A 161 19.03 7.22 -25.67
C GLY A 161 18.31 6.38 -26.70
N ALA A 162 18.77 5.14 -26.86
CA ALA A 162 18.33 4.22 -27.90
C ALA A 162 17.59 3.01 -27.33
N TYR A 163 17.27 3.05 -26.04
CA TYR A 163 16.60 1.95 -25.37
C TYR A 163 15.15 1.82 -25.87
N THR A 164 14.60 0.62 -25.69
CA THR A 164 13.20 0.32 -25.94
C THR A 164 12.38 0.63 -24.70
N VAL A 165 11.18 1.21 -24.88
CA VAL A 165 10.25 1.42 -23.78
C VAL A 165 9.02 0.57 -24.07
N THR A 166 8.80 -0.44 -23.25
CA THR A 166 7.68 -1.36 -23.38
C THR A 166 6.59 -0.92 -22.42
N LEU A 167 5.35 -0.87 -22.92
CA LEU A 167 4.23 -0.34 -22.16
C LEU A 167 3.45 -1.51 -21.57
N ASP A 168 3.32 -1.50 -20.25
CA ASP A 168 2.43 -2.39 -19.53
C ASP A 168 2.77 -3.86 -19.79
N GLY A 169 4.06 -4.14 -19.88
CA GLY A 169 4.52 -5.52 -19.98
C GLY A 169 6.03 -5.55 -19.92
N ARG A 170 6.57 -6.76 -19.91
CA ARG A 170 8.00 -6.96 -20.00
C ARG A 170 8.49 -6.68 -21.41
N GLY A 171 9.69 -6.11 -21.51
CA GLY A 171 10.31 -5.83 -22.79
C GLY A 171 11.31 -6.87 -23.23
N PRO A 172 12.15 -6.52 -24.21
CA PRO A 172 12.98 -7.53 -24.90
C PRO A 172 14.35 -7.79 -24.32
N SER A 173 14.80 -7.03 -23.33
CA SER A 173 16.06 -7.30 -22.66
C SER A 173 15.84 -7.19 -21.16
N ARG A 174 16.75 -7.80 -20.39
CA ARG A 174 16.63 -7.77 -18.93
C ARG A 174 17.59 -6.80 -18.26
N VAL A 175 18.03 -5.77 -18.97
CA VAL A 175 18.95 -4.79 -18.39
C VAL A 175 18.63 -3.42 -18.97
N ILE A 176 18.81 -2.39 -18.15
CA ILE A 176 18.82 -1.00 -18.60
C ILE A 176 19.98 -0.31 -17.90
N SER A 177 20.69 0.55 -18.60
CA SER A 177 21.79 1.27 -17.98
C SER A 177 21.27 2.39 -17.08
N LYS A 178 21.94 2.61 -15.95
CA LYS A 178 21.51 3.65 -15.03
C LYS A 178 21.40 4.97 -15.76
N HIS A 179 22.34 5.23 -16.68
CA HIS A 179 22.30 6.42 -17.51
C HIS A 179 21.09 6.45 -18.43
N ASP A 180 20.78 5.32 -19.10
CA ASP A 180 19.59 5.29 -19.92
C ASP A 180 18.34 5.36 -19.07
N LEU A 181 18.35 4.72 -17.90
CA LEU A 181 17.18 4.81 -17.02
C LEU A 181 16.90 6.25 -16.64
N GLY A 182 17.94 6.99 -16.28
CA GLY A 182 17.75 8.39 -15.93
C GLY A 182 17.36 9.26 -17.10
N HIS A 183 17.88 8.94 -18.29
CA HIS A 183 17.44 9.63 -19.50
C HIS A 183 15.94 9.50 -19.67
N PHE A 184 15.42 8.29 -19.47
CA PHE A 184 14.00 8.06 -19.67
C PHE A 184 13.17 8.77 -18.60
N MET A 185 13.63 8.78 -17.35
CA MET A 185 12.90 9.51 -16.31
C MET A 185 12.68 10.96 -16.75
N LEU A 186 13.71 11.58 -17.32
CA LEU A 186 13.61 12.92 -17.85
C LEU A 186 12.81 12.98 -19.14
N ARG A 187 12.91 11.95 -19.99
CA ARG A 187 12.10 12.00 -21.19
C ARG A 187 10.63 12.04 -20.84
N CYS A 188 10.26 11.39 -19.71
CA CYS A 188 8.86 11.35 -19.27
C CYS A 188 8.34 12.73 -18.85
N LEU A 189 9.23 13.68 -18.59
CA LEU A 189 8.80 15.04 -18.29
C LEU A 189 8.29 15.78 -19.53
N THR A 190 8.76 15.42 -20.72
CA THR A 190 8.46 16.18 -21.93
C THR A 190 7.27 15.63 -22.71
N THR A 191 6.61 14.58 -22.23
CA THR A 191 5.51 13.98 -22.95
C THR A 191 4.48 13.52 -21.95
N ASP A 192 3.23 13.41 -22.38
CA ASP A 192 2.20 12.86 -21.52
C ASP A 192 1.77 11.47 -21.93
N GLU A 193 2.40 10.88 -22.96
CA GLU A 193 1.96 9.60 -23.51
C GLU A 193 2.13 8.44 -22.54
N TYR A 194 2.96 8.58 -21.51
CA TYR A 194 3.11 7.47 -20.57
C TYR A 194 2.29 7.66 -19.29
N ASP A 195 1.67 8.82 -19.10
CA ASP A 195 0.88 9.08 -17.89
C ASP A 195 -0.15 7.97 -17.69
N GLY A 196 -0.23 7.44 -16.47
CA GLY A 196 -1.14 6.36 -16.16
C GLY A 196 -0.68 4.98 -16.61
N HIS A 197 0.47 4.87 -17.26
CA HIS A 197 0.95 3.59 -17.75
C HIS A 197 2.11 3.09 -16.90
N SER A 198 2.32 1.78 -16.95
CA SER A 198 3.56 1.18 -16.50
C SER A 198 4.51 1.08 -17.68
N THR A 199 5.79 1.38 -17.43
CA THR A 199 6.79 1.46 -18.48
C THR A 199 8.02 0.63 -18.10
N TYR A 200 8.52 -0.12 -19.07
CA TYR A 200 9.63 -1.05 -18.88
C TYR A 200 10.72 -0.65 -19.87
N PRO A 201 11.72 0.10 -19.44
CA PRO A 201 12.85 0.43 -20.32
C PRO A 201 13.89 -0.68 -20.31
N SER A 202 14.39 -1.09 -21.47
CA SER A 202 15.42 -2.11 -21.53
C SER A 202 16.22 -1.90 -22.81
N HIS A 203 17.44 -2.42 -22.81
CA HIS A 203 18.28 -2.23 -23.98
C HIS A 203 19.30 -3.36 -24.06
N GLN A 204 19.90 -3.49 -25.24
CA GLN A 204 21.03 -4.37 -25.44
C GLN A 204 22.23 -3.48 -25.69
N TYR A 205 23.28 -3.64 -24.89
CA TYR A 205 24.44 -2.75 -24.96
C TYR A 205 25.55 -3.44 -25.74
N GLN A 206 25.81 -2.93 -26.95
CA GLN A 206 26.82 -3.50 -27.85
C GLN A 206 27.26 -2.49 -28.91
N MET B 1 -27.99 -22.20 11.43
CA MET B 1 -26.88 -21.27 11.67
C MET B 1 -26.96 -20.02 10.79
N ALA B 2 -28.15 -19.74 10.24
CA ALA B 2 -28.31 -18.68 9.26
C ALA B 2 -27.93 -17.32 9.83
N VAL B 3 -27.14 -16.58 9.06
CA VAL B 3 -26.66 -15.26 9.46
C VAL B 3 -27.34 -14.24 8.56
N LYS B 4 -28.14 -13.37 9.17
CA LYS B 4 -28.79 -12.29 8.45
C LYS B 4 -28.34 -10.91 8.92
N LYS B 5 -28.19 -10.69 10.22
CA LYS B 5 -27.75 -9.41 10.75
C LYS B 5 -26.29 -9.48 11.14
N ILE B 6 -25.48 -8.56 10.59
CA ILE B 6 -24.07 -8.49 10.91
C ILE B 6 -23.71 -7.07 11.27
N ALA B 7 -22.72 -6.94 12.15
CA ALA B 7 -22.05 -5.69 12.42
C ALA B 7 -20.71 -5.68 11.68
N ILE B 8 -20.41 -4.57 11.03
CA ILE B 8 -19.11 -4.38 10.42
C ILE B 8 -18.38 -3.27 11.17
N PHE B 9 -17.22 -3.60 11.71
CA PHE B 9 -16.31 -2.59 12.21
C PHE B 9 -15.24 -2.28 11.17
N GLY B 10 -14.95 -1.00 10.98
CA GLY B 10 -14.01 -0.60 9.96
C GLY B 10 -14.65 -0.52 8.60
N ALA B 11 -15.95 -0.21 8.57
CA ALA B 11 -16.72 -0.19 7.32
C ALA B 11 -16.27 0.92 6.37
N THR B 12 -15.70 2.01 6.88
CA THR B 12 -15.28 3.10 6.03
C THR B 12 -13.86 2.92 5.50
N GLY B 13 -13.18 1.87 5.90
CA GLY B 13 -11.86 1.63 5.40
C GLY B 13 -11.86 1.13 3.96
N GLN B 14 -10.64 0.90 3.46
CA GLN B 14 -10.44 0.40 2.11
C GLN B 14 -11.18 -0.92 1.88
N THR B 15 -10.96 -1.91 2.76
CA THR B 15 -11.67 -3.18 2.65
C THR B 15 -13.11 -3.06 3.14
N GLY B 16 -13.29 -2.28 4.22
CA GLY B 16 -14.61 -2.13 4.81
C GLY B 16 -15.65 -1.69 3.80
N LEU B 17 -15.29 -0.69 2.98
CA LEU B 17 -16.27 -0.10 2.07
C LEU B 17 -16.79 -1.12 1.07
N THR B 18 -15.90 -1.93 0.49
CA THR B 18 -16.38 -2.93 -0.46
C THR B 18 -17.02 -4.13 0.25
N THR B 19 -16.59 -4.43 1.49
CA THR B 19 -17.30 -5.46 2.24
C THR B 19 -18.74 -5.04 2.51
N LEU B 20 -18.91 -3.80 2.96
CA LEU B 20 -20.23 -3.26 3.24
C LEU B 20 -21.09 -3.29 1.99
N ALA B 21 -20.55 -2.78 0.88
CA ALA B 21 -21.27 -2.80 -0.40
C ALA B 21 -21.65 -4.23 -0.78
N GLN B 22 -20.69 -5.16 -0.73
CA GLN B 22 -21.06 -6.53 -1.04
C GLN B 22 -22.10 -7.06 -0.07
N ALA B 23 -21.94 -6.77 1.23
CA ALA B 23 -22.87 -7.32 2.20
C ALA B 23 -24.29 -6.81 1.95
N VAL B 24 -24.43 -5.53 1.60
CA VAL B 24 -25.76 -4.96 1.38
C VAL B 24 -26.39 -5.53 0.13
N GLN B 25 -25.58 -5.79 -0.90
CA GLN B 25 -26.15 -6.32 -2.13
C GLN B 25 -26.51 -7.79 -2.00
N ALA B 26 -25.82 -8.53 -1.12
CA ALA B 26 -26.13 -9.94 -0.89
C ALA B 26 -27.35 -10.16 0.00
N GLY B 27 -27.92 -9.11 0.58
CA GLY B 27 -29.10 -9.21 1.41
C GLY B 27 -28.88 -9.06 2.90
N TYR B 28 -27.62 -8.89 3.36
CA TYR B 28 -27.37 -8.79 4.80
C TYR B 28 -27.97 -7.52 5.38
N GLU B 29 -28.48 -7.62 6.61
CA GLU B 29 -28.89 -6.44 7.36
C GLU B 29 -27.67 -5.95 8.13
N VAL B 30 -27.08 -4.84 7.70
CA VAL B 30 -25.75 -4.44 8.15
C VAL B 30 -25.87 -3.30 9.14
N THR B 31 -25.18 -3.41 10.27
CA THR B 31 -24.99 -2.33 11.22
C THR B 31 -23.52 -1.93 11.20
N VAL B 32 -23.24 -0.64 11.01
CA VAL B 32 -21.86 -0.15 10.98
C VAL B 32 -21.66 0.83 12.12
N LEU B 33 -20.47 0.79 12.73
CA LEU B 33 -20.03 1.79 13.69
C LEU B 33 -19.05 2.71 12.97
N VAL B 34 -19.43 3.96 12.79
CA VAL B 34 -18.53 4.93 12.16
C VAL B 34 -18.37 6.11 13.10
N ARG B 35 -17.20 6.73 13.02
CA ARG B 35 -16.90 7.94 13.77
C ARG B 35 -17.34 9.20 13.04
N ASP B 36 -17.65 9.10 11.74
CA ASP B 36 -18.01 10.25 10.91
C ASP B 36 -18.86 9.75 9.74
N SER B 37 -20.09 10.24 9.63
CA SER B 37 -21.04 9.72 8.65
C SER B 37 -20.75 10.15 7.22
N SER B 38 -20.08 11.30 7.01
CA SER B 38 -19.78 11.76 5.66
C SER B 38 -18.78 10.85 4.94
N ARG B 39 -18.21 9.86 5.64
CA ARG B 39 -17.29 8.90 5.04
CA ARG B 39 -17.29 8.92 5.01
C ARG B 39 -18.00 7.72 4.40
N LEU B 40 -19.26 7.49 4.75
CA LEU B 40 -20.05 6.49 4.05
C LEU B 40 -20.59 7.13 2.77
N PRO B 41 -20.36 6.53 1.60
CA PRO B 41 -20.84 7.13 0.36
C PRO B 41 -22.36 7.19 0.36
N SER B 42 -22.89 8.35 -0.06
CA SER B 42 -24.33 8.58 -0.02
C SER B 42 -25.06 7.91 -1.18
N GLU B 43 -24.37 7.12 -2.00
CA GLU B 43 -24.96 6.55 -3.20
C GLU B 43 -24.94 5.02 -3.13
N GLY B 44 -25.97 4.41 -3.73
CA GLY B 44 -26.02 2.99 -3.91
C GLY B 44 -26.17 2.20 -2.63
N PRO B 45 -25.23 1.29 -2.37
CA PRO B 45 -25.34 0.41 -1.19
C PRO B 45 -25.09 1.13 0.12
N ARG B 46 -26.13 1.25 0.93
CA ARG B 46 -26.04 1.86 2.24
C ARG B 46 -26.42 0.84 3.31
N PRO B 47 -25.78 0.90 4.47
CA PRO B 47 -26.16 -0.01 5.56
C PRO B 47 -27.58 0.23 6.04
N ALA B 48 -28.15 -0.79 6.71
CA ALA B 48 -29.47 -0.66 7.31
C ALA B 48 -29.44 0.14 8.62
N HIS B 49 -28.30 0.15 9.32
CA HIS B 49 -28.17 0.84 10.59
C HIS B 49 -26.79 1.47 10.71
N VAL B 50 -26.75 2.73 11.14
CA VAL B 50 -25.52 3.46 11.37
C VAL B 50 -25.44 3.86 12.85
N VAL B 51 -24.41 3.38 13.53
CA VAL B 51 -24.13 3.84 14.89
C VAL B 51 -22.92 4.75 14.82
N VAL B 52 -23.11 6.02 15.18
CA VAL B 52 -22.03 7.00 15.20
C VAL B 52 -21.33 6.90 16.55
N GLY B 53 -20.07 6.50 16.54
CA GLY B 53 -19.39 6.25 17.78
C GLY B 53 -17.97 5.78 17.54
N ASP B 54 -17.34 5.33 18.62
CA ASP B 54 -15.93 4.96 18.63
C ASP B 54 -15.77 3.54 19.16
N VAL B 55 -14.92 2.75 18.51
CA VAL B 55 -14.71 1.37 18.95
C VAL B 55 -14.04 1.28 20.33
N LEU B 56 -13.41 2.36 20.80
CA LEU B 56 -12.79 2.36 22.13
C LEU B 56 -13.80 2.67 23.23
N GLN B 57 -14.99 3.15 22.87
CA GLN B 57 -16.05 3.45 23.83
C GLN B 57 -16.97 2.23 23.91
N ALA B 58 -16.93 1.53 25.05
CA ALA B 58 -17.66 0.28 25.14
C ALA B 58 -19.15 0.46 24.91
N ALA B 59 -19.71 1.63 25.22
CA ALA B 59 -21.13 1.87 24.98
C ALA B 59 -21.44 1.82 23.49
N ASP B 60 -20.62 2.48 22.67
CA ASP B 60 -20.86 2.47 21.24
C ASP B 60 -20.76 1.05 20.69
N VAL B 61 -19.75 0.29 21.13
CA VAL B 61 -19.56 -1.07 20.65
C VAL B 61 -20.75 -1.94 21.03
N ASP B 62 -21.22 -1.82 22.28
CA ASP B 62 -22.36 -2.61 22.73
C ASP B 62 -23.61 -2.28 21.92
N LYS B 63 -23.85 -0.99 21.66
CA LYS B 63 -24.96 -0.59 20.81
C LYS B 63 -24.83 -1.16 19.39
N THR B 64 -23.60 -1.33 18.91
CA THR B 64 -23.39 -1.85 17.56
C THR B 64 -23.58 -3.36 17.49
N VAL B 65 -23.16 -4.10 18.51
CA VAL B 65 -23.20 -5.56 18.51
C VAL B 65 -24.55 -6.11 18.97
N ALA B 66 -25.36 -5.32 19.68
CA ALA B 66 -26.67 -5.76 20.15
C ALA B 66 -27.48 -6.37 19.01
N GLY B 67 -28.02 -7.57 19.25
CA GLY B 67 -28.94 -8.21 18.33
C GLY B 67 -28.38 -8.60 16.98
N GLN B 68 -27.06 -8.74 16.85
CA GLN B 68 -26.47 -9.19 15.59
C GLN B 68 -26.39 -10.72 15.56
N ASP B 69 -26.17 -11.26 14.36
CA ASP B 69 -25.87 -12.68 14.20
C ASP B 69 -24.38 -12.97 14.17
N ALA B 70 -23.58 -12.02 13.69
CA ALA B 70 -22.13 -12.16 13.68
C ALA B 70 -21.50 -10.77 13.55
N VAL B 71 -20.20 -10.71 13.82
CA VAL B 71 -19.43 -9.47 13.71
C VAL B 71 -18.31 -9.65 12.69
N ILE B 72 -18.07 -8.62 11.87
CA ILE B 72 -16.94 -8.56 10.97
C ILE B 72 -16.05 -7.39 11.40
N VAL B 73 -14.78 -7.68 11.62
CA VAL B 73 -13.85 -6.68 12.13
C VAL B 73 -12.81 -6.39 11.06
N LEU B 74 -12.86 -5.18 10.55
CA LEU B 74 -11.92 -4.67 9.55
C LEU B 74 -11.29 -3.39 10.06
N LEU B 75 -10.99 -3.35 11.36
CA LEU B 75 -10.37 -2.19 11.96
C LEU B 75 -8.93 -2.03 11.48
N GLY B 76 -8.50 -0.80 11.36
CA GLY B 76 -7.11 -0.53 11.06
C GLY B 76 -6.71 0.83 11.61
N THR B 77 -5.42 0.98 11.86
CA THR B 77 -4.82 2.27 12.17
C THR B 77 -3.60 2.48 11.26
N ARG B 78 -3.89 2.77 9.99
CA ARG B 78 -2.86 2.85 8.96
C ARG B 78 -1.72 3.79 9.35
N ASN B 79 -2.01 4.81 10.14
CA ASN B 79 -1.06 5.88 10.39
C ASN B 79 -0.07 5.56 11.51
N ASP B 80 -0.37 4.59 12.39
CA ASP B 80 0.40 4.46 13.63
C ASP B 80 1.70 3.72 13.38
N LEU B 81 2.82 4.40 13.65
CA LEU B 81 4.15 3.86 13.44
C LEU B 81 4.85 3.46 14.72
N SER B 82 4.25 3.72 15.86
CA SER B 82 4.84 3.53 17.18
C SER B 82 3.78 2.84 18.01
N PRO B 83 4.15 2.26 19.17
CA PRO B 83 3.22 1.42 19.94
C PRO B 83 1.78 1.95 20.00
N THR B 84 0.80 1.08 19.76
CA THR B 84 -0.60 1.48 19.62
C THR B 84 -1.49 0.32 20.04
N THR B 85 -2.56 0.63 20.80
CA THR B 85 -3.42 -0.45 21.28
C THR B 85 -4.88 -0.28 20.84
N VAL B 86 -5.13 0.48 19.77
CA VAL B 86 -6.53 0.80 19.43
C VAL B 86 -7.26 -0.45 18.97
N MET B 87 -6.66 -1.24 18.09
CA MET B 87 -7.32 -2.43 17.60
C MET B 87 -7.55 -3.45 18.71
N SER B 88 -6.55 -3.66 19.58
CA SER B 88 -6.72 -4.70 20.60
C SER B 88 -7.72 -4.25 21.65
N GLU B 89 -7.68 -2.99 22.05
CA GLU B 89 -8.72 -2.47 22.94
C GLU B 89 -10.09 -2.49 22.26
N GLY B 90 -10.15 -2.28 20.95
CA GLY B 90 -11.42 -2.41 20.25
C GLY B 90 -11.92 -3.85 20.26
N ALA B 91 -11.00 -4.81 20.08
CA ALA B 91 -11.36 -6.22 20.16
C ALA B 91 -11.93 -6.57 21.52
N ARG B 92 -11.34 -6.03 22.59
CA ARG B 92 -11.88 -6.29 23.93
C ARG B 92 -13.30 -5.74 24.06
N ASN B 93 -13.52 -4.50 23.64
CA ASN B 93 -14.89 -3.99 23.64
C ASN B 93 -15.81 -4.83 22.76
N ILE B 94 -15.30 -5.39 21.67
CA ILE B 94 -16.17 -6.21 20.83
C ILE B 94 -16.41 -7.56 21.50
N VAL B 95 -15.37 -8.18 22.04
CA VAL B 95 -15.52 -9.49 22.68
C VAL B 95 -16.53 -9.42 23.81
N ALA B 96 -16.38 -8.43 24.68
CA ALA B 96 -17.29 -8.25 25.81
C ALA B 96 -18.73 -8.08 25.34
N ALA B 97 -18.95 -7.22 24.34
CA ALA B 97 -20.33 -6.99 23.89
C ALA B 97 -20.92 -8.23 23.23
N MET B 98 -20.13 -8.93 22.42
CA MET B 98 -20.60 -10.19 21.85
C MET B 98 -21.08 -11.13 22.95
N LYS B 99 -20.38 -11.15 24.08
CA LYS B 99 -20.75 -12.08 25.15
C LYS B 99 -22.02 -11.64 25.86
N ALA B 100 -22.18 -10.34 26.12
CA ALA B 100 -23.37 -9.86 26.83
C ALA B 100 -24.63 -9.95 25.97
N HIS B 101 -24.50 -9.98 24.65
CA HIS B 101 -25.65 -10.03 23.77
C HIS B 101 -25.80 -11.39 23.08
N GLY B 102 -24.94 -12.35 23.42
CA GLY B 102 -25.07 -13.70 22.91
C GLY B 102 -24.77 -13.86 21.44
N VAL B 103 -23.80 -13.09 20.92
CA VAL B 103 -23.32 -13.27 19.56
C VAL B 103 -22.02 -14.08 19.62
N ASP B 104 -22.00 -15.20 18.90
CA ASP B 104 -20.93 -16.18 19.03
C ASP B 104 -19.95 -16.21 17.86
N LYS B 105 -20.15 -15.44 16.80
CA LYS B 105 -19.36 -15.55 15.58
C LYS B 105 -18.69 -14.22 15.25
N VAL B 106 -17.35 -14.23 15.14
CA VAL B 106 -16.61 -13.05 14.73
C VAL B 106 -15.58 -13.44 13.67
N VAL B 107 -15.50 -12.66 12.60
CA VAL B 107 -14.50 -12.83 11.54
C VAL B 107 -13.67 -11.55 11.49
N ALA B 108 -12.38 -11.67 11.78
CA ALA B 108 -11.53 -10.51 12.03
C ALA B 108 -10.23 -10.58 11.25
N CYS B 109 -9.85 -9.42 10.71
CA CYS B 109 -8.73 -9.32 9.80
C CYS B 109 -7.53 -8.77 10.55
N THR B 110 -6.41 -9.51 10.53
CA THR B 110 -5.15 -8.96 11.00
C THR B 110 -4.19 -8.83 9.82
N SER B 111 -3.22 -9.73 9.67
CA SER B 111 -2.33 -9.64 8.52
C SER B 111 -1.49 -10.91 8.43
N ALA B 112 -1.04 -11.20 7.20
CA ALA B 112 -0.22 -12.40 7.01
C ALA B 112 1.12 -12.35 7.75
N PHE B 113 1.50 -11.20 8.31
CA PHE B 113 2.73 -11.13 9.10
C PHE B 113 2.65 -12.05 10.30
N LEU B 114 1.43 -12.34 10.77
CA LEU B 114 1.23 -13.23 11.92
C LEU B 114 1.46 -14.69 11.56
N LEU B 115 1.68 -14.98 10.28
CA LEU B 115 2.02 -16.32 9.81
C LEU B 115 3.46 -16.44 9.32
N TRP B 116 4.13 -15.34 9.00
CA TRP B 116 5.51 -15.36 8.51
C TRP B 116 6.47 -15.07 9.65
N ASP B 117 7.76 -15.28 9.38
CA ASP B 117 8.77 -15.02 10.39
C ASP B 117 8.71 -13.57 10.85
N PRO B 118 8.91 -13.31 12.15
CA PRO B 118 8.86 -11.92 12.62
C PRO B 118 9.84 -11.00 11.92
N THR B 119 11.00 -11.53 11.48
CA THR B 119 11.98 -10.68 10.81
C THR B 119 11.47 -10.11 9.51
N LYS B 120 10.34 -10.61 8.98
CA LYS B 120 9.77 -10.07 7.75
C LYS B 120 9.08 -8.73 7.95
N VAL B 121 8.78 -8.35 9.18
CA VAL B 121 8.02 -7.10 9.38
C VAL B 121 8.94 -5.90 9.18
N PRO B 122 8.58 -4.93 8.33
CA PRO B 122 9.36 -3.71 8.28
C PRO B 122 9.29 -2.96 9.59
N PRO B 123 10.38 -2.29 9.99
CA PRO B 123 10.41 -1.64 11.32
C PRO B 123 9.23 -0.74 11.59
N ARG B 124 8.81 0.05 10.62
CA ARG B 124 7.74 1.01 10.86
C ARG B 124 6.35 0.38 10.91
N LEU B 125 6.24 -0.92 10.60
CA LEU B 125 5.00 -1.68 10.72
C LEU B 125 5.00 -2.61 11.93
N GLN B 126 6.03 -2.56 12.79
CA GLN B 126 6.09 -3.48 13.92
C GLN B 126 5.02 -3.20 14.96
N ALA B 127 4.73 -1.91 15.22
CA ALA B 127 3.73 -1.57 16.23
C ALA B 127 2.34 -2.09 15.86
N VAL B 128 1.91 -1.88 14.61
CA VAL B 128 0.58 -2.36 14.23
C VAL B 128 0.55 -3.86 14.21
N THR B 129 1.67 -4.50 13.86
CA THR B 129 1.72 -5.97 13.88
C THR B 129 1.63 -6.46 15.32
N ASP B 130 2.39 -5.83 16.22
CA ASP B 130 2.29 -6.14 17.65
C ASP B 130 0.86 -6.03 18.14
N ASP B 131 0.14 -4.96 17.76
CA ASP B 131 -1.25 -4.86 18.21
C ASP B 131 -2.15 -5.85 17.49
N HIS B 132 -1.83 -6.19 16.24
CA HIS B 132 -2.52 -7.27 15.54
C HIS B 132 -2.41 -8.57 16.29
N ILE B 133 -1.20 -8.91 16.73
CA ILE B 133 -0.99 -10.08 17.58
C ILE B 133 -1.80 -9.95 18.87
N ARG B 134 -1.80 -8.75 19.49
CA ARG B 134 -2.58 -8.57 20.70
C ARG B 134 -4.08 -8.78 20.43
N MET B 135 -4.57 -8.32 19.28
CA MET B 135 -5.99 -8.48 18.99
C MET B 135 -6.30 -9.94 18.68
N HIS B 136 -5.40 -10.62 17.96
CA HIS B 136 -5.57 -12.04 17.71
C HIS B 136 -5.68 -12.83 19.02
N LYS B 137 -4.90 -12.46 20.04
CA LYS B 137 -4.99 -13.13 21.33
C LYS B 137 -6.36 -12.95 21.95
N VAL B 138 -6.82 -11.69 22.05
CA VAL B 138 -8.10 -11.38 22.66
C VAL B 138 -9.20 -12.23 22.05
N LEU B 139 -9.20 -12.33 20.72
CA LEU B 139 -10.23 -13.07 20.01
C LEU B 139 -10.06 -14.57 20.18
N ARG B 140 -8.82 -15.07 20.09
CA ARG B 140 -8.58 -16.49 20.26
C ARG B 140 -8.94 -16.95 21.66
N GLU B 141 -8.54 -16.20 22.69
CA GLU B 141 -8.81 -16.62 24.06
C GLU B 141 -10.26 -16.40 24.48
N SER B 142 -11.09 -15.81 23.62
CA SER B 142 -12.44 -15.41 24.02
C SER B 142 -13.42 -16.57 24.13
N GLY B 143 -13.15 -17.70 23.48
CA GLY B 143 -14.11 -18.78 23.39
C GLY B 143 -15.08 -18.68 22.23
N LEU B 144 -15.27 -17.49 21.67
CA LEU B 144 -16.20 -17.32 20.57
C LEU B 144 -15.73 -18.08 19.32
N LYS B 145 -16.68 -18.32 18.41
CA LYS B 145 -16.32 -18.82 17.10
C LYS B 145 -15.65 -17.70 16.33
N TYR B 146 -14.35 -17.84 16.09
CA TYR B 146 -13.52 -16.76 15.60
C TYR B 146 -12.75 -17.26 14.40
N VAL B 147 -12.98 -16.66 13.24
CA VAL B 147 -12.20 -16.92 12.05
C VAL B 147 -11.15 -15.83 11.94
N ALA B 148 -9.89 -16.21 12.02
CA ALA B 148 -8.78 -15.29 11.86
C ALA B 148 -8.46 -15.19 10.37
N VAL B 149 -8.57 -14.00 9.80
CA VAL B 149 -8.23 -13.75 8.41
C VAL B 149 -6.95 -12.93 8.38
N MET B 150 -5.89 -13.52 7.82
CA MET B 150 -4.56 -12.91 7.81
C MET B 150 -4.13 -12.72 6.37
N PRO B 151 -4.49 -11.60 5.75
CA PRO B 151 -4.26 -11.43 4.32
C PRO B 151 -2.87 -10.89 4.06
N PRO B 152 -2.33 -11.10 2.85
CA PRO B 152 -1.10 -10.40 2.46
C PRO B 152 -1.43 -9.02 1.96
N HIS B 153 -0.59 -8.47 1.09
CA HIS B 153 -0.84 -7.17 0.49
C HIS B 153 -2.25 -7.11 -0.12
N ILE B 154 -2.98 -6.05 0.24
CA ILE B 154 -4.36 -5.84 -0.21
C ILE B 154 -4.34 -4.99 -1.47
N GLY B 155 -4.77 -5.55 -2.59
CA GLY B 155 -4.77 -4.86 -3.87
C GLY B 155 -6.11 -4.26 -4.24
N ASP B 156 -6.15 -3.65 -5.43
CA ASP B 156 -7.34 -3.00 -5.98
C ASP B 156 -7.90 -3.74 -7.18
N GLN B 157 -7.51 -4.99 -7.40
CA GLN B 157 -8.00 -5.73 -8.55
C GLN B 157 -9.51 -5.95 -8.42
N PRO B 158 -10.20 -6.13 -9.54
CA PRO B 158 -11.65 -6.39 -9.46
C PRO B 158 -11.98 -7.69 -8.75
N LEU B 159 -13.20 -7.74 -8.22
CA LEU B 159 -13.71 -8.95 -7.58
C LEU B 159 -13.66 -10.13 -8.55
N THR B 160 -13.18 -11.27 -8.07
CA THR B 160 -13.19 -12.51 -8.83
C THR B 160 -13.99 -13.62 -8.16
N GLY B 161 -13.92 -13.73 -6.84
CA GLY B 161 -14.47 -14.88 -6.16
C GLY B 161 -13.71 -16.16 -6.37
N ALA B 162 -12.54 -16.10 -7.00
CA ALA B 162 -11.78 -17.28 -7.40
C ALA B 162 -10.53 -17.51 -6.57
N TYR B 163 -10.30 -16.70 -5.54
CA TYR B 163 -9.11 -16.76 -4.72
C TYR B 163 -9.00 -18.11 -4.00
N THR B 164 -7.80 -18.42 -3.54
CA THR B 164 -7.59 -19.61 -2.72
C THR B 164 -7.46 -19.22 -1.26
N VAL B 165 -7.91 -20.12 -0.41
CA VAL B 165 -7.80 -19.97 1.04
C VAL B 165 -7.01 -21.15 1.54
N THR B 166 -5.81 -20.89 2.05
CA THR B 166 -5.00 -21.94 2.65
C THR B 166 -5.11 -21.82 4.16
N LEU B 167 -5.47 -22.94 4.79
CA LEU B 167 -5.85 -22.97 6.19
C LEU B 167 -4.60 -23.12 7.04
N ASP B 168 -4.28 -22.09 7.82
CA ASP B 168 -3.13 -22.07 8.73
C ASP B 168 -1.83 -22.26 7.94
N GLY B 169 -1.60 -21.35 7.01
CA GLY B 169 -0.34 -21.34 6.30
C GLY B 169 -0.23 -20.12 5.42
N ARG B 170 0.58 -20.27 4.38
CA ARG B 170 0.68 -19.28 3.31
C ARG B 170 0.64 -20.02 1.98
N GLY B 171 -0.21 -19.55 1.07
CA GLY B 171 -0.45 -20.22 -0.18
C GLY B 171 0.30 -19.63 -1.35
N PRO B 172 -0.32 -19.68 -2.54
CA PRO B 172 0.39 -19.39 -3.79
C PRO B 172 0.89 -17.96 -3.92
N SER B 173 -0.04 -17.02 -3.86
CA SER B 173 0.24 -15.62 -4.17
C SER B 173 0.44 -14.81 -2.88
N ARG B 174 0.94 -13.59 -3.05
CA ARG B 174 1.15 -12.63 -1.98
C ARG B 174 0.30 -11.37 -2.19
N VAL B 175 -0.91 -11.53 -2.73
CA VAL B 175 -1.84 -10.43 -2.95
C VAL B 175 -3.25 -10.97 -2.87
N ILE B 176 -4.13 -10.21 -2.26
CA ILE B 176 -5.57 -10.44 -2.29
C ILE B 176 -6.21 -9.10 -2.61
N SER B 177 -7.12 -9.10 -3.58
CA SER B 177 -7.86 -7.88 -3.88
C SER B 177 -8.72 -7.52 -2.67
N LYS B 178 -8.86 -6.21 -2.39
CA LYS B 178 -9.75 -5.79 -1.31
C LYS B 178 -11.17 -6.29 -1.55
N HIS B 179 -11.57 -6.37 -2.82
CA HIS B 179 -12.89 -6.91 -3.15
C HIS B 179 -12.96 -8.39 -2.81
N ASP B 180 -11.96 -9.16 -3.23
CA ASP B 180 -11.93 -10.58 -2.87
C ASP B 180 -11.80 -10.76 -1.36
N LEU B 181 -11.09 -9.87 -0.68
CA LEU B 181 -10.92 -9.99 0.77
C LEU B 181 -12.27 -9.86 1.46
N GLY B 182 -13.03 -8.82 1.12
CA GLY B 182 -14.35 -8.68 1.71
C GLY B 182 -15.30 -9.79 1.31
N HIS B 183 -15.16 -10.30 0.08
CA HIS B 183 -15.93 -11.48 -0.31
C HIS B 183 -15.67 -12.62 0.66
N PHE B 184 -14.39 -12.93 0.90
CA PHE B 184 -14.04 -14.02 1.83
C PHE B 184 -14.55 -13.74 3.25
N MET B 185 -14.43 -12.49 3.72
CA MET B 185 -15.00 -12.13 5.01
C MET B 185 -16.47 -12.53 5.09
N LEU B 186 -17.24 -12.26 4.04
CA LEU B 186 -18.65 -12.59 4.04
C LEU B 186 -18.89 -14.09 3.83
N ARG B 187 -18.03 -14.75 3.05
CA ARG B 187 -18.11 -16.20 2.91
C ARG B 187 -17.96 -16.89 4.25
N CYS B 188 -17.15 -16.33 5.16
CA CYS B 188 -16.93 -16.95 6.46
C CYS B 188 -18.18 -16.92 7.33
N LEU B 189 -19.17 -16.10 6.99
CA LEU B 189 -20.44 -16.13 7.69
C LEU B 189 -21.31 -17.31 7.33
N THR B 190 -20.95 -18.08 6.30
CA THR B 190 -21.82 -19.12 5.77
C THR B 190 -21.32 -20.54 6.03
N THR B 191 -20.28 -20.71 6.85
CA THR B 191 -19.72 -22.03 7.09
C THR B 191 -18.96 -22.01 8.41
N ASP B 192 -18.60 -23.22 8.88
CA ASP B 192 -17.81 -23.40 10.08
C ASP B 192 -16.44 -24.00 9.81
N GLU B 193 -16.08 -24.23 8.53
CA GLU B 193 -14.83 -24.90 8.26
C GLU B 193 -13.61 -24.06 8.64
N TYR B 194 -13.77 -22.75 8.78
CA TYR B 194 -12.69 -21.87 9.18
C TYR B 194 -12.74 -21.49 10.66
N ASP B 195 -13.83 -21.84 11.36
CA ASP B 195 -13.94 -21.52 12.77
C ASP B 195 -12.72 -22.05 13.52
N GLY B 196 -12.07 -21.15 14.27
CA GLY B 196 -10.90 -21.50 15.04
C GLY B 196 -9.66 -21.75 14.23
N HIS B 197 -9.66 -21.39 12.95
CA HIS B 197 -8.50 -21.50 12.08
C HIS B 197 -7.96 -20.11 11.76
N SER B 198 -6.72 -20.08 11.28
CA SER B 198 -6.14 -18.90 10.65
C SER B 198 -6.22 -19.10 9.14
N THR B 199 -6.85 -18.17 8.44
CA THR B 199 -7.05 -18.27 7.01
C THR B 199 -6.19 -17.25 6.29
N TYR B 200 -5.50 -17.70 5.24
CA TYR B 200 -4.69 -16.84 4.38
C TYR B 200 -5.30 -16.80 2.99
N PRO B 201 -5.97 -15.69 2.59
CA PRO B 201 -6.52 -15.60 1.23
C PRO B 201 -5.58 -14.92 0.23
N SER B 202 -5.46 -15.50 -0.96
CA SER B 202 -4.62 -14.94 -2.00
C SER B 202 -5.10 -15.45 -3.34
N HIS B 203 -4.67 -14.77 -4.39
CA HIS B 203 -5.11 -15.12 -5.73
C HIS B 203 -4.12 -14.57 -6.75
N GLN B 204 -4.00 -15.28 -7.86
CA GLN B 204 -3.22 -14.81 -8.99
C GLN B 204 -4.14 -13.99 -9.89
N TYR B 205 -3.85 -12.69 -10.01
CA TYR B 205 -4.64 -11.80 -10.85
C TYR B 205 -3.94 -11.58 -12.18
N GLN B 206 -4.44 -10.62 -12.96
CA GLN B 206 -3.89 -10.36 -14.28
C GLN B 206 -4.10 -8.90 -14.68
#